data_4K4A
#
_entry.id   4K4A
#
_cell.length_a   97.689
_cell.length_b   117.943
_cell.length_c   48.193
_cell.angle_alpha   90.00
_cell.angle_beta   90.00
_cell.angle_gamma   90.00
#
_symmetry.space_group_name_H-M   'P 21 21 2'
#
loop_
_entity.id
_entity.type
_entity.pdbx_description
1 polymer 'Esterase YdiI'
2 non-polymer 'phenacyl coenzyme A'
3 water water
#
_entity_poly.entity_id   1
_entity_poly.type   'polypeptide(L)'
_entity_poly.pdbx_seq_one_letter_code
;MIWKRKITLEALNAMGEGNMVGFLDIRFEHIGDDTLEATMPVDSRTKQPFGLLHGGASVVLAESIGSVAGYLCTEGEQKV
VGLEINANHVRSAREGRVRGVCKPLHLGSRHQVWQIEIFDEKGRLCCSSRLTTAIL
;
_entity_poly.pdbx_strand_id   A,B,C,D
#
# COMPACT_ATOMS: atom_id res chain seq x y z
N MET A 1 -2.95 29.18 -4.18
CA MET A 1 -2.36 28.40 -3.09
C MET A 1 -3.40 27.43 -2.54
N ILE A 2 -2.94 26.27 -2.08
CA ILE A 2 -3.87 25.24 -1.59
C ILE A 2 -4.17 25.39 -0.11
N TRP A 3 -3.32 26.11 0.61
CA TRP A 3 -3.44 26.22 2.06
C TRP A 3 -4.65 27.02 2.49
N LYS A 4 -5.24 26.63 3.62
CA LYS A 4 -6.36 27.36 4.22
C LYS A 4 -5.91 28.02 5.53
N ARG A 5 -4.83 27.51 6.09
CA ARG A 5 -4.23 28.11 7.28
C ARG A 5 -3.03 28.93 6.87
N LYS A 6 -2.80 30.04 7.56
CA LYS A 6 -1.59 30.82 7.31
C LYS A 6 -0.63 30.61 8.46
N ILE A 7 0.48 29.93 8.18
CA ILE A 7 1.47 29.65 9.21
C ILE A 7 2.85 30.00 8.70
N THR A 8 3.73 30.45 9.59
CA THR A 8 5.09 30.74 9.18
C THR A 8 5.94 29.48 9.29
N LEU A 9 7.06 29.50 8.58
CA LEU A 9 8.02 28.41 8.61
C LEU A 9 8.54 28.25 10.04
N GLU A 10 8.72 29.36 10.74
CA GLU A 10 9.23 29.30 12.11
C GLU A 10 8.20 28.62 13.00
N ALA A 11 6.92 28.97 12.80
CA ALA A 11 5.84 28.37 13.57
C ALA A 11 5.64 26.90 13.22
N LEU A 12 5.85 26.53 11.95
CA LEU A 12 5.80 25.12 11.54
C LEU A 12 6.90 24.34 12.26
N ASN A 13 8.09 24.92 12.29
CA ASN A 13 9.21 24.24 12.94
C ASN A 13 9.09 24.16 14.45
N ALA A 14 8.36 25.10 15.05
CA ALA A 14 8.08 25.03 16.48
C ALA A 14 7.19 23.84 16.85
N MET A 15 6.36 23.37 15.92
CA MET A 15 5.43 22.28 16.21
C MET A 15 6.15 21.00 16.62
N GLY A 16 7.32 20.79 16.03
CA GLY A 16 8.08 19.57 16.28
C GLY A 16 8.82 19.50 17.60
N GLU A 17 8.84 20.60 18.35
CA GLU A 17 9.63 20.62 19.58
C GLU A 17 9.01 19.76 20.66
N GLY A 18 9.79 18.85 21.24
CA GLY A 18 9.27 17.99 22.29
C GLY A 18 8.58 16.73 21.79
N ASN A 19 8.64 16.50 20.48
CA ASN A 19 8.15 15.25 19.93
C ASN A 19 9.12 14.67 18.89
N MET A 20 8.70 13.65 18.14
CA MET A 20 9.62 12.90 17.28
C MET A 20 10.27 13.75 16.20
N VAL A 21 9.50 14.69 15.65
CA VAL A 21 9.98 15.58 14.60
C VAL A 21 11.19 16.40 15.08
N GLY A 22 11.05 17.04 16.23
CA GLY A 22 12.17 17.75 16.82
C GLY A 22 13.34 16.84 17.21
N PHE A 23 13.01 15.65 17.72
CA PHE A 23 14.03 14.69 18.14
C PHE A 23 14.94 14.28 16.99
N LEU A 24 14.36 14.15 15.80
CA LEU A 24 15.12 13.72 14.62
C LEU A 24 15.71 14.87 13.80
N ASP A 25 15.56 16.11 14.28
CA ASP A 25 16.01 17.29 13.51
C ASP A 25 15.39 17.34 12.11
N ILE A 26 14.12 16.98 12.02
CA ILE A 26 13.36 17.24 10.79
C ILE A 26 13.09 18.73 10.74
N ARG A 27 13.47 19.35 9.63
CA ARG A 27 13.34 20.80 9.50
C ARG A 27 12.54 21.16 8.26
N PHE A 28 11.45 21.90 8.45
CA PHE A 28 10.69 22.40 7.31
C PHE A 28 11.46 23.55 6.71
N GLU A 29 11.65 23.52 5.39
CA GLU A 29 12.56 24.46 4.73
C GLU A 29 11.88 25.35 3.71
N HIS A 30 10.74 24.93 3.18
CA HIS A 30 10.05 25.73 2.18
C HIS A 30 8.57 25.43 2.13
N ILE A 31 7.76 26.48 2.10
CA ILE A 31 6.34 26.32 1.82
C ILE A 31 6.07 26.92 0.45
N GLY A 32 5.70 26.09 -0.51
CA GLY A 32 5.36 26.60 -1.83
C GLY A 32 3.88 26.91 -1.84
N ASP A 33 3.37 27.37 -2.96
CA ASP A 33 1.94 27.61 -3.06
C ASP A 33 1.16 26.29 -3.15
N ASP A 34 1.85 25.22 -3.50
CA ASP A 34 1.22 23.90 -3.48
C ASP A 34 2.21 22.76 -3.18
N THR A 35 3.33 23.08 -2.55
CA THR A 35 4.27 22.06 -2.12
C THR A 35 4.81 22.38 -0.73
N LEU A 36 5.24 21.35 -0.01
CA LEU A 36 5.87 21.55 1.29
C LEU A 36 7.14 20.73 1.30
N GLU A 37 8.20 21.27 1.86
CA GLU A 37 9.49 20.60 1.81
C GLU A 37 10.16 20.56 3.19
N ALA A 38 10.68 19.39 3.57
CA ALA A 38 11.46 19.28 4.82
C ALA A 38 12.65 18.35 4.64
N THR A 39 13.68 18.56 5.47
CA THR A 39 14.87 17.73 5.42
C THR A 39 15.08 16.95 6.71
N MET A 40 15.93 15.94 6.65
CA MET A 40 16.13 15.06 7.79
C MET A 40 17.53 14.52 7.69
N PRO A 41 18.25 14.43 8.81
CA PRO A 41 19.61 13.90 8.72
C PRO A 41 19.63 12.38 8.59
N VAL A 42 20.66 11.89 7.89
CA VAL A 42 20.98 10.47 7.88
C VAL A 42 22.12 10.28 8.89
N ASP A 43 21.78 9.92 10.13
CA ASP A 43 22.80 9.73 11.16
C ASP A 43 22.40 8.65 12.14
N SER A 44 23.01 8.64 13.32
CA SER A 44 22.77 7.54 14.24
CA SER A 44 22.77 7.61 14.33
C SER A 44 21.30 7.46 14.68
N ARG A 45 20.55 8.56 14.59
CA ARG A 45 19.14 8.54 15.01
C ARG A 45 18.22 7.91 13.99
N THR A 46 18.68 7.86 12.73
CA THR A 46 17.83 7.48 11.61
C THR A 46 18.39 6.32 10.77
N LYS A 47 19.54 5.79 11.16
CA LYS A 47 20.13 4.68 10.41
C LYS A 47 19.68 3.31 10.93
N GLN A 48 19.72 2.29 10.06
CA GLN A 48 19.49 0.93 10.51
C GLN A 48 20.84 0.28 10.89
N PRO A 49 20.83 -0.93 11.49
CA PRO A 49 22.11 -1.45 12.03
C PRO A 49 23.24 -1.64 11.01
N PHE A 50 22.96 -1.56 9.72
CA PHE A 50 23.99 -1.82 8.70
C PHE A 50 24.45 -0.53 8.00
N GLY A 51 24.11 0.62 8.57
CA GLY A 51 24.64 1.88 8.07
C GLY A 51 23.82 2.61 7.03
N LEU A 52 22.66 2.07 6.66
CA LEU A 52 21.79 2.75 5.71
C LEU A 52 20.74 3.55 6.44
N LEU A 53 20.17 4.55 5.77
CA LEU A 53 19.01 5.23 6.33
C LEU A 53 17.93 4.18 6.50
N HIS A 54 17.35 4.14 7.70
CA HIS A 54 16.26 3.23 8.03
C HIS A 54 15.06 3.56 7.17
N GLY A 55 14.49 2.54 6.51
CA GLY A 55 13.34 2.76 5.64
C GLY A 55 12.18 3.36 6.41
N GLY A 56 12.08 3.02 7.70
CA GLY A 56 11.06 3.61 8.54
C GLY A 56 11.28 5.09 8.77
N ALA A 57 12.54 5.52 8.76
CA ALA A 57 12.84 6.94 8.95
C ALA A 57 12.34 7.77 7.77
N SER A 58 12.51 7.25 6.57
CA SER A 58 11.91 7.88 5.39
C SER A 58 10.43 8.05 5.55
N VAL A 59 9.78 7.03 6.12
CA VAL A 59 8.33 7.11 6.29
C VAL A 59 7.94 8.12 7.38
N VAL A 60 8.76 8.24 8.41
CA VAL A 60 8.53 9.27 9.42
C VAL A 60 8.55 10.65 8.73
N LEU A 61 9.51 10.86 7.83
CA LEU A 61 9.61 12.15 7.14
C LEU A 61 8.41 12.39 6.25
N ALA A 62 8.03 11.36 5.50
CA ALA A 62 6.91 11.43 4.58
C ALA A 62 5.61 11.68 5.32
N GLU A 63 5.36 10.91 6.38
CA GLU A 63 4.12 11.10 7.15
C GLU A 63 4.13 12.43 7.90
N SER A 64 5.31 12.92 8.31
CA SER A 64 5.42 14.22 8.96
C SER A 64 5.10 15.32 7.97
N ILE A 65 5.69 15.28 6.79
CA ILE A 65 5.43 16.35 5.84
C ILE A 65 4.00 16.29 5.33
N GLY A 66 3.55 15.09 4.96
CA GLY A 66 2.20 14.93 4.41
C GLY A 66 1.09 15.30 5.38
N SER A 67 1.25 14.95 6.66
CA SER A 67 0.21 15.22 7.65
C SER A 67 0.12 16.70 7.98
N VAL A 68 1.26 17.37 7.98
CA VAL A 68 1.28 18.82 8.19
C VAL A 68 0.71 19.59 7.00
N ALA A 69 1.12 19.21 5.80
CA ALA A 69 0.51 19.82 4.60
C ALA A 69 -1.00 19.61 4.63
N GLY A 70 -1.40 18.41 5.03
CA GLY A 70 -2.82 18.09 5.13
C GLY A 70 -3.53 19.01 6.11
N TYR A 71 -2.95 19.12 7.30
CA TYR A 71 -3.47 20.05 8.31
C TYR A 71 -3.58 21.50 7.80
N LEU A 72 -2.57 21.96 7.06
CA LEU A 72 -2.58 23.32 6.49
C LEU A 72 -3.65 23.52 5.44
N CYS A 73 -4.24 22.44 4.96
CA CYS A 73 -5.33 22.53 3.98
C CYS A 73 -6.69 22.35 4.66
N THR A 74 -6.71 22.36 5.99
CA THR A 74 -7.97 22.38 6.73
C THR A 74 -8.09 23.68 7.50
N GLU A 75 -9.20 23.88 8.19
CA GLU A 75 -9.37 25.13 8.95
C GLU A 75 -9.94 24.92 10.34
N GLY A 76 -9.70 25.89 11.22
CA GLY A 76 -10.21 25.84 12.58
C GLY A 76 -9.83 24.60 13.37
N GLU A 77 -10.84 23.92 13.90
CA GLU A 77 -10.62 22.77 14.78
C GLU A 77 -10.56 21.43 14.05
N GLN A 78 -10.66 21.46 12.73
CA GLN A 78 -10.47 20.23 11.94
C GLN A 78 -9.14 19.59 12.28
N LYS A 79 -9.14 18.27 12.41
CA LYS A 79 -7.91 17.52 12.66
C LYS A 79 -7.60 16.67 11.45
N VAL A 80 -6.33 16.34 11.28
CA VAL A 80 -5.93 15.46 10.19
C VAL A 80 -5.08 14.35 10.78
N VAL A 81 -5.42 13.09 10.48
CA VAL A 81 -4.63 11.95 10.92
C VAL A 81 -4.25 11.08 9.73
N GLY A 82 -3.08 10.44 9.80
CA GLY A 82 -2.67 9.52 8.76
C GLY A 82 -3.53 8.27 8.84
N LEU A 83 -4.01 7.81 7.69
CA LEU A 83 -4.92 6.68 7.64
C LEU A 83 -4.17 5.53 7.00
N GLU A 84 -3.61 5.78 5.82
CA GLU A 84 -2.88 4.77 5.08
C GLU A 84 -1.61 5.38 4.50
N ILE A 85 -0.54 4.59 4.50
CA ILE A 85 0.73 5.04 3.93
C ILE A 85 1.46 3.89 3.25
N ASN A 86 2.11 4.18 2.13
CA ASN A 86 2.95 3.20 1.48
C ASN A 86 4.19 3.91 0.95
N ALA A 87 5.28 3.17 0.84
CA ALA A 87 6.53 3.77 0.39
C ALA A 87 7.40 2.80 -0.37
N ASN A 88 8.05 3.30 -1.42
CA ASN A 88 9.00 2.50 -2.17
C ASN A 88 10.41 2.96 -1.88
N HIS A 89 11.22 2.07 -1.33
CA HIS A 89 12.62 2.37 -1.06
C HIS A 89 13.41 1.98 -2.31
N VAL A 90 13.67 2.95 -3.18
CA VAL A 90 14.26 2.63 -4.48
C VAL A 90 15.77 2.79 -4.50
N ARG A 91 16.32 3.57 -3.56
CA ARG A 91 17.76 3.76 -3.44
C ARG A 91 18.12 4.03 -1.97
N SER A 92 19.23 3.47 -1.51
CA SER A 92 19.65 3.67 -0.14
C SER A 92 20.27 5.06 0.02
N ALA A 93 20.02 5.70 1.15
CA ALA A 93 20.73 6.90 1.51
C ALA A 93 21.71 6.54 2.62
N ARG A 94 22.86 7.20 2.65
CA ARG A 94 23.93 6.75 3.52
C ARG A 94 24.56 7.85 4.37
N GLU A 95 24.34 9.11 3.99
CA GLU A 95 25.02 10.23 4.65
C GLU A 95 24.34 11.54 4.31
N GLY A 96 24.73 12.60 5.01
CA GLY A 96 24.17 13.93 4.79
C GLY A 96 22.74 14.08 5.27
N ARG A 97 21.95 14.86 4.55
CA ARG A 97 20.53 14.99 4.87
C ARG A 97 19.74 14.58 3.65
N VAL A 98 18.52 14.08 3.87
CA VAL A 98 17.61 13.81 2.76
C VAL A 98 16.53 14.88 2.76
N ARG A 99 15.90 15.09 1.61
CA ARG A 99 14.95 16.18 1.43
C ARG A 99 13.65 15.63 0.89
N GLY A 100 12.56 15.83 1.63
CA GLY A 100 11.26 15.35 1.20
C GLY A 100 10.46 16.46 0.55
N VAL A 101 9.90 16.18 -0.62
CA VAL A 101 9.06 17.17 -1.30
C VAL A 101 7.63 16.63 -1.43
N CYS A 102 6.69 17.35 -0.86
CA CYS A 102 5.32 16.86 -0.77
C CYS A 102 4.39 17.66 -1.68
N LYS A 103 3.56 16.95 -2.43
CA LYS A 103 2.57 17.56 -3.34
CA LYS A 103 2.53 17.63 -3.21
C LYS A 103 1.21 16.87 -3.20
N PRO A 104 0.12 17.61 -3.41
CA PRO A 104 -1.18 16.94 -3.35
C PRO A 104 -1.48 16.12 -4.60
N LEU A 105 -2.06 14.93 -4.40
CA LEU A 105 -2.62 14.17 -5.51
C LEU A 105 -4.13 14.38 -5.50
N HIS A 106 -4.71 14.34 -4.30
CA HIS A 106 -6.14 14.62 -4.17
C HIS A 106 -6.44 15.35 -2.88
N LEU A 107 -7.15 16.47 -2.99
CA LEU A 107 -7.60 17.21 -1.81
C LEU A 107 -9.13 17.16 -1.74
N GLY A 108 -9.66 16.37 -0.81
CA GLY A 108 -11.09 16.19 -0.68
C GLY A 108 -11.65 16.78 0.60
N SER A 109 -12.96 16.63 0.78
CA SER A 109 -13.63 17.20 1.95
C SER A 109 -13.33 16.39 3.20
N ARG A 110 -13.22 15.08 3.06
CA ARG A 110 -13.01 14.23 4.23
C ARG A 110 -11.73 13.41 4.17
N HIS A 111 -11.04 13.43 3.02
CA HIS A 111 -9.74 12.75 2.88
C HIS A 111 -8.81 13.48 1.94
N GLN A 112 -7.51 13.23 2.09
CA GLN A 112 -6.51 13.74 1.16
C GLN A 112 -5.57 12.61 0.75
N VAL A 113 -4.95 12.77 -0.41
CA VAL A 113 -3.88 11.89 -0.83
C VAL A 113 -2.68 12.77 -1.20
N TRP A 114 -1.55 12.50 -0.55
CA TRP A 114 -0.32 13.28 -0.75
C TRP A 114 0.77 12.40 -1.32
N GLN A 115 1.56 12.96 -2.24
CA GLN A 115 2.76 12.30 -2.73
C GLN A 115 3.97 12.96 -2.10
N ILE A 116 4.86 12.16 -1.53
CA ILE A 116 6.11 12.70 -0.96
C ILE A 116 7.29 11.97 -1.58
N GLU A 117 8.17 12.72 -2.25
CA GLU A 117 9.39 12.14 -2.78
C GLU A 117 10.58 12.58 -1.95
N ILE A 118 11.47 11.64 -1.65
CA ILE A 118 12.61 11.92 -0.78
C ILE A 118 13.92 11.72 -1.53
N PHE A 119 14.72 12.78 -1.61
CA PHE A 119 15.95 12.76 -2.41
C PHE A 119 17.19 12.83 -1.50
N ASP A 120 18.31 12.26 -1.95
CA ASP A 120 19.55 12.40 -1.18
C ASP A 120 20.24 13.72 -1.55
N GLU A 121 21.43 13.94 -1.00
N GLU A 121 21.42 13.95 -0.99
CA GLU A 121 22.13 15.21 -1.21
CA GLU A 121 22.11 15.24 -1.20
C GLU A 121 22.53 15.43 -2.66
C GLU A 121 22.61 15.42 -2.63
N LYS A 122 22.62 14.35 -3.41
CA LYS A 122 23.02 14.43 -4.81
C LYS A 122 21.79 14.55 -5.70
N GLY A 123 20.61 14.69 -5.08
CA GLY A 123 19.39 14.85 -5.85
C GLY A 123 18.79 13.56 -6.39
N ARG A 124 19.30 12.41 -5.95
CA ARG A 124 18.78 11.14 -6.44
C ARG A 124 17.57 10.74 -5.61
N LEU A 125 16.52 10.25 -6.26
CA LEU A 125 15.34 9.76 -5.55
C LEU A 125 15.69 8.52 -4.75
N CYS A 126 15.27 8.49 -3.48
CA CYS A 126 15.57 7.35 -2.63
C CYS A 126 14.28 6.71 -2.12
N CYS A 127 13.28 7.54 -1.87
CA CYS A 127 11.99 7.04 -1.40
C CYS A 127 10.86 7.79 -2.06
N SER A 128 9.85 7.05 -2.49
CA SER A 128 8.66 7.64 -3.09
C SER A 128 7.48 7.10 -2.29
N SER A 129 6.72 8.00 -1.68
CA SER A 129 5.70 7.61 -0.72
C SER A 129 4.34 8.25 -0.99
N ARG A 130 3.27 7.57 -0.60
N ARG A 130 3.27 7.56 -0.59
CA ARG A 130 1.90 8.09 -0.73
CA ARG A 130 1.92 8.10 -0.71
C ARG A 130 1.16 7.98 0.60
C ARG A 130 1.20 8.00 0.63
N LEU A 131 0.65 9.11 1.10
CA LEU A 131 -0.06 9.15 2.36
C LEU A 131 -1.52 9.50 2.13
N THR A 132 -2.40 8.69 2.72
CA THR A 132 -3.82 8.97 2.70
C THR A 132 -4.23 9.42 4.10
N THR A 133 -4.85 10.59 4.19
CA THR A 133 -5.27 11.12 5.48
C THR A 133 -6.79 11.09 5.63
N ALA A 134 -7.26 11.14 6.86
CA ALA A 134 -8.67 11.32 7.14
C ALA A 134 -8.80 12.66 7.85
N ILE A 135 -9.77 13.45 7.43
CA ILE A 135 -10.06 14.72 8.10
C ILE A 135 -11.18 14.51 9.11
N LEU A 136 -10.90 14.83 10.37
CA LEU A 136 -11.84 14.59 11.46
C LEU A 136 -12.49 15.89 11.95
N MET B 1 11.02 -24.48 12.38
CA MET B 1 11.36 -23.07 12.47
C MET B 1 11.66 -22.52 11.08
N ILE B 2 11.29 -21.27 10.82
CA ILE B 2 11.61 -20.68 9.53
C ILE B 2 13.04 -20.12 9.50
N TRP B 3 13.65 -19.91 10.67
CA TRP B 3 14.94 -19.22 10.71
C TRP B 3 16.07 -20.05 10.14
N LYS B 4 17.04 -19.38 9.52
CA LYS B 4 18.26 -20.04 9.05
C LYS B 4 19.46 -19.59 9.87
N ARG B 5 19.35 -18.42 10.50
CA ARG B 5 20.38 -17.97 11.41
C ARG B 5 19.95 -18.28 12.83
N LYS B 6 20.89 -18.72 13.66
CA LYS B 6 20.60 -18.87 15.08
C LYS B 6 21.16 -17.64 15.82
N ILE B 7 20.28 -16.91 16.50
CA ILE B 7 20.69 -15.72 17.22
C ILE B 7 19.96 -15.69 18.55
N THR B 8 20.60 -15.09 19.56
CA THR B 8 19.94 -14.93 20.86
C THR B 8 19.21 -13.58 20.91
N LEU B 9 18.23 -13.49 21.79
CA LEU B 9 17.52 -12.24 22.03
C LEU B 9 18.51 -11.15 22.43
N GLU B 10 19.44 -11.49 23.31
CA GLU B 10 20.45 -10.52 23.75
C GLU B 10 21.26 -10.00 22.57
N ALA B 11 21.67 -10.91 21.70
CA ALA B 11 22.48 -10.52 20.54
C ALA B 11 21.66 -9.72 19.53
N LEU B 12 20.37 -10.02 19.46
CA LEU B 12 19.44 -9.30 18.58
C LEU B 12 19.25 -7.87 19.09
N ASN B 13 19.06 -7.74 20.40
CA ASN B 13 18.93 -6.44 21.02
C ASN B 13 20.21 -5.61 20.98
N ALA B 14 21.36 -6.28 20.87
CA ALA B 14 22.62 -5.57 20.73
C ALA B 14 22.74 -4.92 19.35
N MET B 15 22.00 -5.44 18.37
CA MET B 15 22.06 -4.92 17.00
C MET B 15 21.60 -3.47 16.90
N GLY B 16 20.66 -3.08 17.75
CA GLY B 16 20.08 -1.74 17.70
C GLY B 16 20.91 -0.64 18.36
N GLU B 17 21.97 -1.01 19.07
CA GLU B 17 22.72 -0.01 19.83
C GLU B 17 23.44 0.97 18.93
N GLY B 18 23.17 2.27 19.10
CA GLY B 18 23.85 3.29 18.31
C GLY B 18 23.24 3.56 16.95
N ASN B 19 22.08 2.97 16.69
CA ASN B 19 21.31 3.31 15.48
C ASN B 19 19.85 3.59 15.84
N MET B 20 19.00 3.80 14.85
CA MET B 20 17.61 4.20 15.13
C MET B 20 16.88 3.22 16.05
N VAL B 21 17.19 1.93 15.95
CA VAL B 21 16.49 0.93 16.75
C VAL B 21 16.72 1.19 18.24
N GLY B 22 17.97 1.41 18.63
CA GLY B 22 18.29 1.74 20.01
C GLY B 22 17.75 3.09 20.45
N PHE B 23 17.78 4.08 19.54
CA PHE B 23 17.35 5.44 19.89
C PHE B 23 15.85 5.52 20.19
N LEU B 24 15.07 4.61 19.61
CA LEU B 24 13.64 4.56 19.91
C LEU B 24 13.27 3.53 20.98
N ASP B 25 14.29 2.92 21.61
CA ASP B 25 14.08 1.89 22.63
C ASP B 25 13.14 0.80 22.09
N ILE B 26 13.41 0.38 20.86
CA ILE B 26 12.74 -0.79 20.32
C ILE B 26 13.45 -2.01 20.90
N ARG B 27 12.68 -2.87 21.57
CA ARG B 27 13.26 -4.03 22.23
C ARG B 27 12.63 -5.30 21.68
N PHE B 28 13.43 -6.21 21.15
CA PHE B 28 12.90 -7.52 20.77
C PHE B 28 12.63 -8.34 22.03
N GLU B 29 11.45 -8.93 22.10
CA GLU B 29 11.04 -9.57 23.34
C GLU B 29 10.76 -11.06 23.21
N HIS B 30 10.52 -11.53 21.99
CA HIS B 30 10.24 -12.96 21.79
C HIS B 30 10.59 -13.39 20.38
N ILE B 31 11.33 -14.50 20.28
CA ILE B 31 11.56 -15.15 18.99
C ILE B 31 10.83 -16.47 18.98
N GLY B 32 9.74 -16.56 18.21
CA GLY B 32 8.97 -17.79 18.17
C GLY B 32 9.52 -18.63 17.04
N ASP B 33 8.88 -19.76 16.76
CA ASP B 33 9.36 -20.63 15.69
C ASP B 33 9.08 -20.04 14.32
N ASP B 34 8.06 -19.19 14.25
CA ASP B 34 7.73 -18.53 12.99
C ASP B 34 7.24 -17.11 13.18
N THR B 35 7.56 -16.51 14.32
CA THR B 35 7.15 -15.13 14.60
C THR B 35 8.26 -14.36 15.31
N LEU B 36 8.24 -13.03 15.18
CA LEU B 36 9.17 -12.19 15.91
C LEU B 36 8.40 -11.02 16.50
N GLU B 37 8.78 -10.61 17.71
CA GLU B 37 7.99 -9.64 18.46
C GLU B 37 8.88 -8.61 19.15
N ALA B 38 8.55 -7.33 19.00
CA ALA B 38 9.27 -6.25 19.66
C ALA B 38 8.31 -5.19 20.19
N THR B 39 8.74 -4.45 21.20
CA THR B 39 7.92 -3.35 21.74
C THR B 39 8.62 -2.00 21.54
N MET B 40 7.87 -0.92 21.72
CA MET B 40 8.38 0.42 21.48
C MET B 40 7.58 1.36 22.36
N PRO B 41 8.26 2.29 23.04
CA PRO B 41 7.52 3.21 23.91
C PRO B 41 6.77 4.26 23.10
N VAL B 42 5.71 4.78 23.70
CA VAL B 42 4.98 5.91 23.14
C VAL B 42 5.31 7.12 24.01
N ASP B 43 6.25 7.95 23.55
CA ASP B 43 6.66 9.12 24.31
C ASP B 43 7.22 10.17 23.38
N SER B 44 7.96 11.12 23.93
CA SER B 44 8.44 12.26 23.15
C SER B 44 9.28 11.83 21.95
N ARG B 45 9.92 10.67 22.02
CA ARG B 45 10.76 10.22 20.90
C ARG B 45 9.98 9.65 19.74
N THR B 46 8.70 9.32 19.97
CA THR B 46 7.91 8.59 18.98
C THR B 46 6.53 9.21 18.71
N LYS B 47 6.26 10.36 19.34
CA LYS B 47 4.96 11.03 19.17
C LYS B 47 4.97 12.12 18.12
N GLN B 48 3.79 12.41 17.59
CA GLN B 48 3.62 13.55 16.67
C GLN B 48 3.20 14.79 17.48
N PRO B 49 3.13 15.97 16.85
CA PRO B 49 2.93 17.18 17.66
C PRO B 49 1.61 17.29 18.44
N PHE B 50 0.67 16.37 18.23
CA PHE B 50 -0.62 16.49 18.91
C PHE B 50 -0.84 15.40 19.95
N GLY B 51 0.24 14.79 20.42
CA GLY B 51 0.15 13.85 21.52
C GLY B 51 -0.12 12.41 21.17
N LEU B 52 -0.12 12.06 19.89
CA LEU B 52 -0.36 10.68 19.49
C LEU B 52 0.93 10.03 19.03
N LEU B 53 0.94 8.70 19.05
CA LEU B 53 2.05 7.96 18.45
C LEU B 53 2.16 8.38 16.98
N HIS B 54 3.37 8.72 16.56
CA HIS B 54 3.60 9.16 15.18
C HIS B 54 3.33 7.97 14.28
N GLY B 55 2.59 8.17 13.18
CA GLY B 55 2.31 7.09 12.28
C GLY B 55 3.60 6.52 11.72
N GLY B 56 4.61 7.38 11.56
CA GLY B 56 5.91 6.95 11.07
C GLY B 56 6.67 6.10 12.07
N ALA B 57 6.46 6.35 13.36
CA ALA B 57 7.10 5.52 14.38
C ALA B 57 6.56 4.09 14.33
N SER B 58 5.25 3.92 14.14
CA SER B 58 4.71 2.57 13.96
C SER B 58 5.37 1.87 12.78
N VAL B 59 5.60 2.61 11.72
CA VAL B 59 6.24 2.02 10.55
C VAL B 59 7.72 1.72 10.82
N VAL B 60 8.42 2.56 11.60
CA VAL B 60 9.80 2.22 11.98
C VAL B 60 9.80 0.89 12.73
N LEU B 61 8.84 0.71 13.65
CA LEU B 61 8.75 -0.57 14.37
C LEU B 61 8.49 -1.74 13.42
N ALA B 62 7.55 -1.57 12.49
CA ALA B 62 7.25 -2.64 11.54
C ALA B 62 8.44 -3.00 10.63
N GLU B 63 9.07 -1.98 10.06
CA GLU B 63 10.19 -2.24 9.16
C GLU B 63 11.38 -2.82 9.93
N SER B 64 11.56 -2.41 11.19
CA SER B 64 12.61 -3.02 12.02
C SER B 64 12.36 -4.50 12.24
N ILE B 65 11.15 -4.87 12.64
CA ILE B 65 10.91 -6.27 12.97
C ILE B 65 10.96 -7.13 11.70
N GLY B 66 10.33 -6.66 10.63
CA GLY B 66 10.26 -7.42 9.40
C GLY B 66 11.61 -7.57 8.72
N SER B 67 12.43 -6.53 8.77
CA SER B 67 13.76 -6.62 8.16
C SER B 67 14.70 -7.56 8.92
N VAL B 68 14.60 -7.53 10.25
CA VAL B 68 15.42 -8.40 11.09
C VAL B 68 14.96 -9.85 10.94
N ALA B 69 13.64 -10.04 10.91
CA ALA B 69 13.11 -11.38 10.70
C ALA B 69 13.53 -11.85 9.33
N GLY B 70 13.49 -10.93 8.36
CA GLY B 70 13.93 -11.26 7.01
C GLY B 70 15.38 -11.72 7.00
N TYR B 71 16.24 -10.93 7.62
CA TYR B 71 17.66 -11.28 7.78
C TYR B 71 17.87 -12.65 8.41
N LEU B 72 17.10 -12.94 9.46
CA LEU B 72 17.23 -14.23 10.15
C LEU B 72 16.80 -15.41 9.27
N CYS B 73 16.14 -15.12 8.16
CA CYS B 73 15.72 -16.16 7.23
C CYS B 73 16.67 -16.28 6.04
N THR B 74 17.80 -15.58 6.10
CA THR B 74 18.85 -15.75 5.09
C THR B 74 20.08 -16.39 5.74
N GLU B 75 21.13 -16.61 4.97
CA GLU B 75 22.34 -17.22 5.52
C GLU B 75 23.60 -16.57 4.99
N GLY B 76 24.71 -16.76 5.69
CA GLY B 76 25.99 -16.20 5.29
C GLY B 76 25.99 -14.69 5.15
N GLU B 77 26.50 -14.22 4.01
CA GLU B 77 26.65 -12.79 3.78
C GLU B 77 25.47 -12.21 3.03
N GLN B 78 24.38 -12.97 2.90
CA GLN B 78 23.17 -12.39 2.32
C GLN B 78 22.74 -11.21 3.19
N LYS B 79 22.21 -10.16 2.55
CA LYS B 79 21.66 -9.02 3.27
C LYS B 79 20.19 -8.90 2.90
N VAL B 80 19.44 -8.19 3.73
CA VAL B 80 18.03 -7.97 3.48
C VAL B 80 17.74 -6.47 3.65
N VAL B 81 17.10 -5.86 2.65
CA VAL B 81 16.75 -4.45 2.73
C VAL B 81 15.25 -4.30 2.50
N GLY B 82 14.64 -3.27 3.06
CA GLY B 82 13.23 -3.02 2.82
C GLY B 82 13.06 -2.49 1.41
N LEU B 83 12.10 -3.03 0.67
CA LEU B 83 11.87 -2.60 -0.70
C LEU B 83 10.59 -1.78 -0.81
N GLU B 84 9.53 -2.26 -0.14
CA GLU B 84 8.26 -1.54 -0.14
C GLU B 84 7.64 -1.79 1.20
N ILE B 85 7.06 -0.75 1.80
CA ILE B 85 6.34 -0.97 3.04
C ILE B 85 5.05 -0.17 3.03
N ASN B 86 4.03 -0.70 3.68
CA ASN B 86 2.77 -0.02 3.72
C ASN B 86 2.10 -0.37 5.01
N ALA B 87 1.19 0.50 5.45
CA ALA B 87 0.59 0.34 6.77
C ALA B 87 -0.75 1.05 6.86
N ASN B 88 -1.61 0.51 7.70
CA ASN B 88 -2.86 1.18 7.98
C ASN B 88 -2.91 1.51 9.45
N HIS B 89 -3.14 2.78 9.79
CA HIS B 89 -3.24 3.20 11.19
C HIS B 89 -4.70 3.12 11.61
N VAL B 90 -5.06 1.99 12.23
CA VAL B 90 -6.47 1.73 12.57
C VAL B 90 -6.90 2.30 13.92
N ARG B 91 -5.94 2.51 14.83
CA ARG B 91 -6.24 3.10 16.13
C ARG B 91 -5.04 3.89 16.61
N SER B 92 -5.31 5.02 17.25
CA SER B 92 -4.21 5.82 17.81
C SER B 92 -3.76 5.25 19.16
N ALA B 93 -2.53 5.57 19.54
CA ALA B 93 -2.01 5.25 20.86
C ALA B 93 -1.47 6.54 21.48
N ARG B 94 -1.38 6.57 22.81
CA ARG B 94 -1.06 7.82 23.50
C ARG B 94 -0.02 7.66 24.61
N GLU B 95 0.11 6.44 25.12
CA GLU B 95 0.97 6.21 26.27
C GLU B 95 1.39 4.76 26.29
N GLY B 96 2.30 4.43 27.20
CA GLY B 96 2.75 3.05 27.35
C GLY B 96 3.69 2.57 26.24
N ARG B 97 3.65 1.27 25.98
CA ARG B 97 4.45 0.67 24.91
C ARG B 97 3.50 -0.01 23.93
N VAL B 98 3.83 -0.01 22.64
CA VAL B 98 3.07 -0.80 21.69
C VAL B 98 3.89 -2.04 21.34
N ARG B 99 3.23 -3.09 20.88
CA ARG B 99 3.88 -4.37 20.65
C ARG B 99 3.67 -4.83 19.21
N GLY B 100 4.77 -5.00 18.48
CA GLY B 100 4.67 -5.47 17.10
C GLY B 100 4.90 -6.97 16.98
N VAL B 101 4.02 -7.65 16.25
CA VAL B 101 4.14 -9.08 16.01
C VAL B 101 4.24 -9.37 14.52
N CYS B 102 5.33 -10.04 14.15
CA CYS B 102 5.61 -10.21 12.74
C CYS B 102 5.56 -11.68 12.35
N LYS B 103 4.90 -11.97 11.22
N LYS B 103 4.91 -11.98 11.23
CA LYS B 103 4.77 -13.32 10.69
CA LYS B 103 4.87 -13.33 10.71
C LYS B 103 5.08 -13.31 9.18
C LYS B 103 5.12 -13.31 9.21
N PRO B 104 5.62 -14.41 8.65
CA PRO B 104 5.91 -14.41 7.21
C PRO B 104 4.68 -14.62 6.32
N LEU B 105 4.62 -13.87 5.22
CA LEU B 105 3.64 -14.14 4.17
C LEU B 105 4.27 -14.84 2.97
N HIS B 106 5.52 -14.48 2.66
CA HIS B 106 6.25 -15.11 1.57
C HIS B 106 7.73 -15.15 1.89
N LEU B 107 8.34 -16.33 1.84
CA LEU B 107 9.78 -16.45 2.04
C LEU B 107 10.42 -16.99 0.76
N GLY B 108 10.78 -16.09 -0.15
CA GLY B 108 11.28 -16.49 -1.44
C GLY B 108 12.79 -16.50 -1.50
N SER B 109 13.32 -16.77 -2.68
CA SER B 109 14.78 -16.81 -2.85
C SER B 109 15.34 -15.41 -3.05
N ARG B 110 14.51 -14.47 -3.52
CA ARG B 110 15.00 -13.12 -3.81
C ARG B 110 14.22 -12.02 -3.10
N HIS B 111 12.98 -12.31 -2.70
CA HIS B 111 12.11 -11.34 -2.04
C HIS B 111 11.38 -12.02 -0.88
N GLN B 112 10.98 -11.25 0.12
CA GLN B 112 10.14 -11.78 1.20
C GLN B 112 8.99 -10.82 1.42
N VAL B 113 7.92 -11.29 2.02
CA VAL B 113 6.83 -10.41 2.43
C VAL B 113 6.49 -10.75 3.85
N TRP B 114 6.43 -9.73 4.71
CA TRP B 114 6.17 -9.91 6.13
C TRP B 114 4.88 -9.16 6.50
N GLN B 115 4.11 -9.75 7.40
CA GLN B 115 2.97 -9.06 8.00
C GLN B 115 3.35 -8.64 9.42
N ILE B 116 3.13 -7.38 9.76
CA ILE B 116 3.38 -6.92 11.11
C ILE B 116 2.14 -6.25 11.67
N GLU B 117 1.65 -6.78 12.79
CA GLU B 117 0.53 -6.14 13.47
C GLU B 117 1.05 -5.52 14.75
N ILE B 118 0.61 -4.28 15.03
CA ILE B 118 1.09 -3.56 16.20
C ILE B 118 -0.08 -3.28 17.13
N PHE B 119 0.07 -3.68 18.39
CA PHE B 119 -1.04 -3.66 19.34
C PHE B 119 -0.71 -2.73 20.51
N ASP B 120 -1.73 -2.13 21.13
CA ASP B 120 -1.48 -1.36 22.35
C ASP B 120 -1.50 -2.27 23.58
N GLU B 121 -1.41 -1.67 24.77
CA GLU B 121 -1.31 -2.48 25.99
C GLU B 121 -2.61 -3.17 26.38
N LYS B 122 -3.73 -2.72 25.81
CA LYS B 122 -5.01 -3.39 26.04
C LYS B 122 -5.21 -4.49 25.01
N GLY B 123 -4.23 -4.67 24.14
CA GLY B 123 -4.27 -5.72 23.14
C GLY B 123 -5.04 -5.34 21.90
N ARG B 124 -5.34 -4.05 21.74
CA ARG B 124 -6.09 -3.60 20.58
C ARG B 124 -5.16 -3.29 19.42
N LEU B 125 -5.56 -3.71 18.22
CA LEU B 125 -4.79 -3.44 17.01
C LEU B 125 -4.71 -1.93 16.74
N CYS B 126 -3.51 -1.43 16.51
CA CYS B 126 -3.30 -0.01 16.20
C CYS B 126 -2.76 0.19 14.79
N CYS B 127 -1.99 -0.79 14.32
CA CYS B 127 -1.36 -0.69 13.00
C CYS B 127 -1.24 -2.06 12.34
N SER B 128 -1.69 -2.15 11.09
CA SER B 128 -1.52 -3.36 10.30
C SER B 128 -0.61 -3.01 9.14
N SER B 129 0.52 -3.72 9.01
CA SER B 129 1.55 -3.36 8.05
C SER B 129 2.07 -4.55 7.26
N ARG B 130 2.46 -4.29 6.02
CA ARG B 130 3.07 -5.29 5.15
C ARG B 130 4.40 -4.74 4.65
N LEU B 131 5.45 -5.56 4.73
CA LEU B 131 6.79 -5.17 4.30
C LEU B 131 7.26 -6.16 3.27
N THR B 132 7.71 -5.65 2.13
CA THR B 132 8.36 -6.48 1.11
C THR B 132 9.85 -6.20 1.18
N THR B 133 10.65 -7.26 1.30
CA THR B 133 12.10 -7.10 1.31
C THR B 133 12.75 -7.62 0.04
N ALA B 134 13.96 -7.15 -0.20
CA ALA B 134 14.79 -7.68 -1.27
C ALA B 134 16.04 -8.30 -0.65
N ILE B 135 16.37 -9.51 -1.10
CA ILE B 135 17.52 -10.24 -0.60
C ILE B 135 18.71 -9.95 -1.50
N LEU B 136 19.75 -9.35 -0.94
CA LEU B 136 20.92 -8.97 -1.73
C LEU B 136 22.15 -9.80 -1.35
N MET C 1 -20.42 -11.92 16.57
CA MET C 1 -20.90 -11.73 15.20
C MET C 1 -20.89 -10.26 14.81
N ILE C 2 -20.13 -9.91 13.78
CA ILE C 2 -19.95 -8.50 13.41
C ILE C 2 -21.08 -7.93 12.58
N TRP C 3 -21.87 -8.79 11.96
CA TRP C 3 -22.83 -8.34 10.94
C TRP C 3 -23.98 -7.51 11.54
N LYS C 4 -24.38 -6.46 10.82
CA LYS C 4 -25.55 -5.68 11.19
C LYS C 4 -26.74 -6.07 10.31
N ARG C 5 -26.44 -6.44 9.06
CA ARG C 5 -27.50 -6.85 8.15
C ARG C 5 -27.60 -8.35 8.17
N LYS C 6 -28.82 -8.86 8.03
CA LYS C 6 -29.01 -10.29 7.94
C LYS C 6 -29.24 -10.64 6.47
N ILE C 7 -28.35 -11.45 5.91
CA ILE C 7 -28.47 -11.83 4.51
C ILE C 7 -28.21 -13.32 4.36
N THR C 8 -28.86 -13.95 3.38
CA THR C 8 -28.55 -15.33 3.06
C THR C 8 -27.44 -15.38 2.03
N LEU C 9 -26.73 -16.52 1.99
CA LEU C 9 -25.74 -16.79 0.95
C LEU C 9 -26.34 -16.57 -0.43
N GLU C 10 -27.54 -17.09 -0.64
CA GLU C 10 -28.23 -16.94 -1.93
C GLU C 10 -28.45 -15.46 -2.26
N ALA C 11 -28.86 -14.67 -1.27
CA ALA C 11 -29.12 -13.26 -1.52
C ALA C 11 -27.82 -12.51 -1.74
N LEU C 12 -26.75 -13.04 -1.15
CA LEU C 12 -25.42 -12.45 -1.28
C LEU C 12 -24.94 -12.64 -2.70
N ASN C 13 -25.17 -13.86 -3.21
CA ASN C 13 -24.77 -14.21 -4.57
C ASN C 13 -25.64 -13.54 -5.63
N ALA C 14 -26.88 -13.19 -5.26
CA ALA C 14 -27.74 -12.45 -6.19
C ALA C 14 -27.22 -11.03 -6.47
N MET C 15 -26.46 -10.46 -5.54
CA MET C 15 -25.99 -9.09 -5.70
C MET C 15 -25.08 -8.91 -6.91
N GLY C 16 -24.33 -9.96 -7.24
CA GLY C 16 -23.36 -9.87 -8.32
C GLY C 16 -23.93 -9.94 -9.74
N GLU C 17 -25.21 -10.28 -9.84
CA GLU C 17 -25.82 -10.52 -11.14
C GLU C 17 -25.97 -9.23 -11.95
N GLY C 18 -25.48 -9.23 -13.18
CA GLY C 18 -25.60 -8.06 -14.04
C GLY C 18 -24.47 -7.08 -13.85
N ASN C 19 -23.49 -7.46 -13.03
CA ASN C 19 -22.28 -6.63 -12.85
C ASN C 19 -21.02 -7.49 -12.83
N MET C 20 -19.89 -6.89 -12.46
CA MET C 20 -18.60 -7.57 -12.62
C MET C 20 -18.46 -8.85 -11.81
N VAL C 21 -19.03 -8.88 -10.62
CA VAL C 21 -18.93 -10.06 -9.76
C VAL C 21 -19.55 -11.30 -10.40
N GLY C 22 -20.74 -11.15 -10.96
CA GLY C 22 -21.38 -12.28 -11.62
C GLY C 22 -20.71 -12.60 -12.94
N PHE C 23 -20.23 -11.57 -13.62
CA PHE C 23 -19.50 -11.73 -14.86
C PHE C 23 -18.27 -12.64 -14.71
N LEU C 24 -17.59 -12.50 -13.58
CA LEU C 24 -16.37 -13.28 -13.34
C LEU C 24 -16.65 -14.58 -12.58
N ASP C 25 -17.91 -14.92 -12.41
CA ASP C 25 -18.32 -16.08 -11.60
C ASP C 25 -17.69 -16.07 -10.20
N ILE C 26 -17.63 -14.90 -9.57
CA ILE C 26 -17.26 -14.87 -8.15
C ILE C 26 -18.44 -15.37 -7.32
N ARG C 27 -18.19 -16.34 -6.45
CA ARG C 27 -19.26 -16.98 -5.69
C ARG C 27 -18.96 -16.91 -4.20
N PHE C 28 -19.84 -16.27 -3.44
CA PHE C 28 -19.68 -16.27 -1.99
C PHE C 28 -20.02 -17.64 -1.48
N GLU C 29 -19.18 -18.20 -0.61
CA GLU C 29 -19.36 -19.60 -0.22
C GLU C 29 -19.55 -19.83 1.27
N HIS C 30 -19.05 -18.90 2.09
CA HIS C 30 -19.16 -19.06 3.53
C HIS C 30 -19.29 -17.72 4.24
N ILE C 31 -20.29 -17.62 5.12
CA ILE C 31 -20.42 -16.49 6.04
C ILE C 31 -20.25 -16.98 7.47
N GLY C 32 -19.19 -16.51 8.13
CA GLY C 32 -18.93 -16.88 9.50
C GLY C 32 -19.39 -15.78 10.42
N ASP C 33 -19.06 -15.88 11.70
CA ASP C 33 -19.43 -14.85 12.66
C ASP C 33 -18.66 -13.56 12.38
N ASP C 34 -17.46 -13.70 11.84
CA ASP C 34 -16.59 -12.54 11.65
C ASP C 34 -15.70 -12.69 10.42
N THR C 35 -16.09 -13.59 9.52
CA THR C 35 -15.35 -13.78 8.27
C THR C 35 -16.31 -13.95 7.10
N LEU C 36 -15.80 -13.72 5.90
CA LEU C 36 -16.59 -13.87 4.69
C LEU C 36 -15.69 -14.48 3.63
N GLU C 37 -16.16 -15.53 2.95
CA GLU C 37 -15.34 -16.20 1.95
C GLU C 37 -16.01 -16.30 0.58
N ALA C 38 -15.21 -16.13 -0.47
CA ALA C 38 -15.73 -16.22 -1.82
C ALA C 38 -14.64 -16.79 -2.72
N THR C 39 -15.05 -17.46 -3.79
CA THR C 39 -14.08 -18.03 -4.73
C THR C 39 -14.25 -17.39 -6.10
N MET C 40 -13.25 -17.58 -6.96
CA MET C 40 -13.19 -16.96 -8.29
C MET C 40 -12.40 -17.88 -9.21
N PRO C 41 -12.84 -18.06 -10.46
CA PRO C 41 -12.07 -18.94 -11.34
C PRO C 41 -10.81 -18.29 -11.85
N VAL C 42 -9.78 -19.11 -12.07
CA VAL C 42 -8.63 -18.68 -12.85
C VAL C 42 -8.81 -19.20 -14.27
N ASP C 43 -9.35 -18.35 -15.15
CA ASP C 43 -9.54 -18.73 -16.55
C ASP C 43 -9.37 -17.53 -17.48
N SER C 44 -9.83 -17.65 -18.72
CA SER C 44 -9.60 -16.59 -19.70
C SER C 44 -10.16 -15.23 -19.24
N ARG C 45 -11.16 -15.23 -18.36
CA ARG C 45 -11.70 -13.95 -17.89
C ARG C 45 -10.78 -13.26 -16.88
N THR C 46 -9.91 -14.01 -16.22
CA THR C 46 -9.15 -13.48 -15.11
C THR C 46 -7.63 -13.64 -15.23
N LYS C 47 -7.16 -14.12 -16.39
CA LYS C 47 -5.73 -14.29 -16.64
C LYS C 47 -5.10 -13.11 -17.38
N GLN C 48 -3.78 -12.95 -17.23
CA GLN C 48 -3.04 -11.95 -17.99
C GLN C 48 -2.50 -12.60 -19.28
N PRO C 49 -1.96 -11.80 -20.22
CA PRO C 49 -1.63 -12.41 -21.52
C PRO C 49 -0.63 -13.57 -21.51
N PHE C 50 0.03 -13.82 -20.38
CA PHE C 50 1.06 -14.85 -20.34
C PHE C 50 0.63 -16.09 -19.54
N GLY C 51 -0.65 -16.17 -19.22
CA GLY C 51 -1.20 -17.40 -18.64
C GLY C 51 -1.36 -17.42 -17.13
N LEU C 52 -0.97 -16.33 -16.47
CA LEU C 52 -1.08 -16.26 -15.01
C LEU C 52 -2.38 -15.56 -14.63
N LEU C 53 -2.85 -15.81 -13.42
CA LEU C 53 -3.94 -15.03 -12.85
C LEU C 53 -3.52 -13.56 -12.88
N HIS C 54 -4.37 -12.70 -13.44
CA HIS C 54 -4.09 -11.28 -13.52
C HIS C 54 -4.06 -10.73 -12.10
N GLY C 55 -3.05 -9.93 -11.78
CA GLY C 55 -2.94 -9.36 -10.44
C GLY C 55 -4.17 -8.55 -10.09
N GLY C 56 -4.72 -7.87 -11.10
CA GLY C 56 -5.94 -7.10 -10.93
C GLY C 56 -7.16 -7.93 -10.58
N ALA C 57 -7.22 -9.18 -11.08
CA ALA C 57 -8.36 -10.05 -10.78
C ALA C 57 -8.37 -10.42 -9.30
N SER C 58 -7.19 -10.67 -8.76
CA SER C 58 -7.08 -10.87 -7.32
C SER C 58 -7.59 -9.68 -6.53
N VAL C 59 -7.25 -8.48 -7.00
CA VAL C 59 -7.72 -7.27 -6.35
C VAL C 59 -9.24 -7.12 -6.50
N VAL C 60 -9.79 -7.49 -7.67
CA VAL C 60 -11.25 -7.50 -7.84
C VAL C 60 -11.89 -8.41 -6.78
N LEU C 61 -11.34 -9.61 -6.59
CA LEU C 61 -11.90 -10.52 -5.59
C LEU C 61 -11.79 -9.93 -4.19
N ALA C 62 -10.62 -9.35 -3.90
CA ALA C 62 -10.41 -8.74 -2.60
C ALA C 62 -11.37 -7.57 -2.34
N GLU C 63 -11.48 -6.65 -3.29
CA GLU C 63 -12.37 -5.52 -3.08
C GLU C 63 -13.85 -5.94 -3.07
N SER C 64 -14.17 -7.00 -3.80
CA SER C 64 -15.55 -7.51 -3.80
C SER C 64 -15.95 -8.04 -2.43
N ILE C 65 -15.10 -8.88 -1.84
CA ILE C 65 -15.44 -9.51 -0.57
C ILE C 65 -15.44 -8.49 0.55
N GLY C 66 -14.43 -7.62 0.55
CA GLY C 66 -14.29 -6.65 1.62
C GLY C 66 -15.41 -5.61 1.62
N SER C 67 -15.81 -5.17 0.43
CA SER C 67 -16.84 -4.13 0.35
C SER C 67 -18.19 -4.70 0.74
N VAL C 68 -18.45 -5.92 0.27
CA VAL C 68 -19.68 -6.61 0.62
C VAL C 68 -19.72 -6.86 2.12
N ALA C 69 -18.59 -7.32 2.67
CA ALA C 69 -18.49 -7.53 4.12
C ALA C 69 -18.72 -6.23 4.86
N GLY C 70 -18.13 -5.17 4.35
CA GLY C 70 -18.35 -3.85 4.93
C GLY C 70 -19.81 -3.45 4.93
N TYR C 71 -20.46 -3.58 3.77
CA TYR C 71 -21.88 -3.26 3.62
C TYR C 71 -22.72 -4.01 4.65
N LEU C 72 -22.38 -5.27 4.87
CA LEU C 72 -23.07 -6.10 5.86
C LEU C 72 -22.87 -5.59 7.29
N CYS C 73 -21.88 -4.73 7.49
CA CYS C 73 -21.62 -4.19 8.83
C CYS C 73 -22.19 -2.78 9.00
N THR C 74 -23.05 -2.38 8.07
CA THR C 74 -23.77 -1.12 8.15
C THR C 74 -25.27 -1.41 8.19
N GLU C 75 -26.11 -0.39 8.19
CA GLU C 75 -27.55 -0.65 8.25
C GLU C 75 -28.38 0.41 7.52
N GLY C 76 -29.63 0.08 7.26
CA GLY C 76 -30.52 0.98 6.56
C GLY C 76 -29.97 1.37 5.19
N GLU C 77 -30.09 2.66 4.86
CA GLU C 77 -29.63 3.16 3.58
C GLU C 77 -28.13 3.48 3.53
N GLN C 78 -27.39 3.10 4.57
CA GLN C 78 -25.94 3.33 4.55
C GLN C 78 -25.32 2.59 3.38
N LYS C 79 -24.32 3.23 2.76
CA LYS C 79 -23.56 2.63 1.67
C LYS C 79 -22.09 2.53 2.04
N VAL C 80 -21.39 1.59 1.42
CA VAL C 80 -19.96 1.41 1.63
C VAL C 80 -19.24 1.42 0.29
N VAL C 81 -18.23 2.28 0.15
CA VAL C 81 -17.40 2.30 -1.06
C VAL C 81 -15.94 2.07 -0.70
N GLY C 82 -15.17 1.51 -1.63
CA GLY C 82 -13.75 1.31 -1.38
C GLY C 82 -13.05 2.64 -1.50
N LEU C 83 -12.13 2.92 -0.56
CA LEU C 83 -11.41 4.18 -0.56
C LEU C 83 -9.95 3.99 -0.96
N GLU C 84 -9.35 2.93 -0.44
CA GLU C 84 -7.97 2.60 -0.76
C GLU C 84 -7.86 1.09 -0.72
N ILE C 85 -7.17 0.52 -1.70
CA ILE C 85 -6.92 -0.91 -1.65
C ILE C 85 -5.48 -1.16 -2.03
N ASN C 86 -4.89 -2.17 -1.40
CA ASN C 86 -3.53 -2.51 -1.73
C ASN C 86 -3.34 -4.02 -1.65
N ALA C 87 -2.32 -4.56 -2.28
CA ALA C 87 -2.14 -6.01 -2.28
C ALA C 87 -0.73 -6.43 -2.63
N ASN C 88 -0.30 -7.53 -2.04
CA ASN C 88 0.95 -8.15 -2.44
C ASN C 88 0.70 -9.47 -3.15
N HIS C 89 1.21 -9.60 -4.38
CA HIS C 89 1.07 -10.85 -5.12
C HIS C 89 2.25 -11.73 -4.78
N VAL C 90 2.04 -12.68 -3.88
CA VAL C 90 3.14 -13.49 -3.36
C VAL C 90 3.36 -14.80 -4.11
N ARG C 91 2.32 -15.28 -4.80
CA ARG C 91 2.44 -16.48 -5.58
C ARG C 91 1.49 -16.40 -6.74
N SER C 92 1.92 -16.91 -7.89
CA SER C 92 1.06 -16.95 -9.05
C SER C 92 0.09 -18.15 -9.00
N ALA C 93 -0.96 -18.07 -9.80
CA ALA C 93 -1.87 -19.21 -10.01
C ALA C 93 -2.17 -19.32 -11.50
N ARG C 94 -2.48 -20.52 -11.99
CA ARG C 94 -2.69 -20.76 -13.42
C ARG C 94 -3.99 -21.49 -13.75
N GLU C 95 -4.60 -22.10 -12.74
CA GLU C 95 -5.81 -22.89 -13.01
C GLU C 95 -6.63 -23.06 -11.73
N GLY C 96 -7.81 -23.65 -11.89
CA GLY C 96 -8.70 -23.93 -10.77
C GLY C 96 -9.46 -22.68 -10.34
N ARG C 97 -9.80 -22.64 -9.06
CA ARG C 97 -10.39 -21.45 -8.46
C ARG C 97 -9.49 -20.98 -7.30
N VAL C 98 -9.51 -19.68 -7.01
CA VAL C 98 -8.82 -19.18 -5.83
C VAL C 98 -9.89 -18.81 -4.82
N ARG C 99 -9.56 -18.86 -3.53
CA ARG C 99 -10.53 -18.58 -2.47
C ARG C 99 -10.09 -17.40 -1.63
N GLY C 100 -10.90 -16.35 -1.58
CA GLY C 100 -10.63 -15.22 -0.72
C GLY C 100 -11.26 -15.36 0.66
N VAL C 101 -10.49 -15.04 1.69
CA VAL C 101 -10.96 -15.09 3.06
C VAL C 101 -10.78 -13.71 3.70
N CYS C 102 -11.88 -13.12 4.17
CA CYS C 102 -11.86 -11.72 4.58
C CYS C 102 -12.24 -11.59 6.05
N LYS C 103 -11.48 -10.81 6.81
N LYS C 103 -11.49 -10.76 6.79
CA LYS C 103 -11.79 -10.54 8.21
CA LYS C 103 -11.70 -10.53 8.21
C LYS C 103 -11.59 -9.06 8.49
C LYS C 103 -11.54 -9.04 8.50
N PRO C 104 -12.27 -8.52 9.52
CA PRO C 104 -12.17 -7.10 9.86
C PRO C 104 -10.90 -6.72 10.62
N LEU C 105 -10.29 -5.60 10.26
CA LEU C 105 -9.20 -5.02 11.05
C LEU C 105 -9.69 -3.80 11.82
N HIS C 106 -10.69 -3.13 11.25
CA HIS C 106 -11.29 -1.96 11.89
C HIS C 106 -12.73 -1.77 11.45
N LEU C 107 -13.64 -1.64 12.41
CA LEU C 107 -15.03 -1.36 12.08
C LEU C 107 -15.39 -0.06 12.77
N GLY C 108 -15.29 1.05 12.05
CA GLY C 108 -15.48 2.35 12.66
C GLY C 108 -16.80 2.98 12.31
N SER C 109 -17.00 4.22 12.72
CA SER C 109 -18.27 4.89 12.45
C SER C 109 -18.31 5.38 11.00
N ARG C 110 -17.13 5.70 10.44
CA ARG C 110 -17.08 6.30 9.11
C ARG C 110 -16.16 5.54 8.15
N HIS C 111 -15.24 4.75 8.71
CA HIS C 111 -14.32 3.94 7.90
C HIS C 111 -14.21 2.52 8.41
N GLN C 112 -13.79 1.62 7.52
CA GLN C 112 -13.51 0.24 7.90
C GLN C 112 -12.22 -0.17 7.22
N VAL C 113 -11.57 -1.16 7.80
CA VAL C 113 -10.39 -1.76 7.18
C VAL C 113 -10.59 -3.27 7.21
N TRP C 114 -10.40 -3.90 6.06
CA TRP C 114 -10.57 -5.35 5.93
C TRP C 114 -9.29 -5.97 5.44
N GLN C 115 -9.01 -7.19 5.90
CA GLN C 115 -7.88 -7.98 5.41
C GLN C 115 -8.45 -9.10 4.58
N ILE C 116 -7.93 -9.26 3.36
CA ILE C 116 -8.37 -10.36 2.51
C ILE C 116 -7.13 -11.16 2.08
N GLU C 117 -7.12 -12.44 2.42
CA GLU C 117 -6.06 -13.35 1.98
C GLU C 117 -6.64 -14.29 0.94
N ILE C 118 -5.93 -14.46 -0.17
CA ILE C 118 -6.46 -15.25 -1.27
C ILE C 118 -5.56 -16.46 -1.48
N PHE C 119 -6.18 -17.64 -1.50
CA PHE C 119 -5.46 -18.90 -1.54
C PHE C 119 -5.76 -19.68 -2.82
N ASP C 120 -4.79 -20.45 -3.31
CA ASP C 120 -5.05 -21.34 -4.44
C ASP C 120 -5.70 -22.64 -3.96
N GLU C 121 -5.88 -23.60 -4.86
N GLU C 121 -5.87 -23.60 -4.86
CA GLU C 121 -6.58 -24.85 -4.53
CA GLU C 121 -6.56 -24.85 -4.53
C GLU C 121 -5.77 -25.77 -3.62
C GLU C 121 -5.77 -25.76 -3.60
N LYS C 122 -4.46 -25.56 -3.54
CA LYS C 122 -3.60 -26.35 -2.64
C LYS C 122 -3.45 -25.68 -1.29
N GLY C 123 -4.24 -24.63 -1.05
CA GLY C 123 -4.21 -23.91 0.21
C GLY C 123 -3.05 -22.92 0.38
N ARG C 124 -2.35 -22.63 -0.70
CA ARG C 124 -1.18 -21.76 -0.64
C ARG C 124 -1.61 -20.31 -0.86
N LEU C 125 -1.09 -19.40 -0.03
CA LEU C 125 -1.40 -17.97 -0.16
C LEU C 125 -0.88 -17.45 -1.50
N CYS C 126 -1.72 -16.70 -2.22
CA CYS C 126 -1.28 -16.11 -3.49
CA CYS C 126 -1.26 -16.11 -3.48
C CYS C 126 -1.32 -14.59 -3.45
N CYS C 127 -2.21 -14.04 -2.64
CA CYS C 127 -2.36 -12.59 -2.56
C CYS C 127 -2.79 -12.21 -1.15
N SER C 128 -2.12 -11.21 -0.58
CA SER C 128 -2.51 -10.64 0.69
C SER C 128 -2.90 -9.20 0.43
N SER C 129 -4.10 -8.82 0.87
CA SER C 129 -4.70 -7.55 0.46
C SER C 129 -5.31 -6.84 1.67
N ARG C 130 -5.29 -5.51 1.65
CA ARG C 130 -5.95 -4.72 2.69
C ARG C 130 -6.86 -3.71 1.99
N LEU C 131 -8.10 -3.60 2.46
CA LEU C 131 -9.05 -2.66 1.87
C LEU C 131 -9.55 -1.69 2.93
N THR C 132 -9.55 -0.40 2.60
CA THR C 132 -10.15 0.61 3.47
C THR C 132 -11.42 1.12 2.80
N THR C 133 -12.52 1.15 3.54
CA THR C 133 -13.78 1.66 2.99
C THR C 133 -14.23 2.95 3.67
N ALA C 134 -15.10 3.67 3.00
CA ALA C 134 -15.73 4.84 3.60
C ALA C 134 -17.21 4.52 3.74
N ILE C 135 -17.80 4.82 4.89
CA ILE C 135 -19.22 4.62 5.08
C ILE C 135 -19.95 5.90 4.71
N LEU C 136 -20.94 5.80 3.81
CA LEU C 136 -21.64 6.98 3.32
C LEU C 136 -23.11 6.98 3.73
N MET D 1 13.40 7.96 -25.14
CA MET D 1 12.52 6.82 -25.00
C MET D 1 12.95 5.93 -23.84
N ILE D 2 11.99 5.47 -23.05
CA ILE D 2 12.26 4.53 -21.97
C ILE D 2 12.15 3.09 -22.45
N TRP D 3 11.41 2.89 -23.55
CA TRP D 3 11.14 1.54 -24.04
C TRP D 3 12.39 0.85 -24.56
N LYS D 4 12.47 -0.45 -24.31
CA LYS D 4 13.55 -1.27 -24.85
C LYS D 4 13.02 -2.17 -25.96
N ARG D 5 11.71 -2.41 -25.91
CA ARG D 5 11.05 -3.20 -26.94
C ARG D 5 10.32 -2.25 -27.88
N LYS D 6 10.29 -2.60 -29.16
CA LYS D 6 9.53 -1.85 -30.15
C LYS D 6 8.19 -2.54 -30.37
N ILE D 7 7.11 -1.77 -30.31
CA ILE D 7 5.79 -2.36 -30.48
C ILE D 7 4.78 -1.29 -30.88
N THR D 8 3.77 -1.71 -31.62
CA THR D 8 2.72 -0.81 -32.07
C THR D 8 1.53 -0.98 -31.15
N LEU D 9 0.64 0.01 -31.12
CA LEU D 9 -0.61 -0.11 -30.37
C LEU D 9 -1.38 -1.32 -30.85
N GLU D 10 -1.30 -1.57 -32.16
CA GLU D 10 -1.99 -2.68 -32.80
C GLU D 10 -1.55 -4.02 -32.23
N ALA D 11 -0.25 -4.24 -32.15
CA ALA D 11 0.30 -5.48 -31.61
C ALA D 11 0.10 -5.59 -30.09
N LEU D 12 0.13 -4.43 -29.43
CA LEU D 12 -0.11 -4.35 -27.98
C LEU D 12 -1.56 -4.75 -27.69
N ASN D 13 -2.48 -4.25 -28.51
CA ASN D 13 -3.90 -4.59 -28.36
C ASN D 13 -4.22 -6.04 -28.70
N ALA D 14 -3.40 -6.64 -29.56
CA ALA D 14 -3.61 -8.04 -29.91
C ALA D 14 -3.25 -8.94 -28.72
N MET D 15 -2.44 -8.41 -27.80
CA MET D 15 -2.01 -9.18 -26.63
C MET D 15 -3.19 -9.53 -25.71
N GLY D 16 -4.18 -8.65 -25.66
CA GLY D 16 -5.30 -8.81 -24.76
C GLY D 16 -6.35 -9.81 -25.22
N GLU D 17 -6.23 -10.29 -26.45
CA GLU D 17 -7.25 -11.18 -27.02
C GLU D 17 -7.28 -12.54 -26.32
N GLY D 18 -8.45 -12.90 -25.79
CA GLY D 18 -8.59 -14.18 -25.11
C GLY D 18 -8.14 -14.21 -23.66
N ASN D 19 -7.85 -13.04 -23.07
CA ASN D 19 -7.56 -12.95 -21.64
C ASN D 19 -8.28 -11.77 -20.99
N MET D 20 -8.01 -11.48 -19.72
CA MET D 20 -8.79 -10.48 -19.00
C MET D 20 -8.78 -9.09 -19.66
N VAL D 21 -7.66 -8.72 -20.27
CA VAL D 21 -7.56 -7.40 -20.88
C VAL D 21 -8.59 -7.24 -21.99
N GLY D 22 -8.73 -8.26 -22.83
CA GLY D 22 -9.73 -8.22 -23.89
C GLY D 22 -11.16 -8.37 -23.38
N PHE D 23 -11.34 -9.18 -22.34
CA PHE D 23 -12.68 -9.40 -21.81
C PHE D 23 -13.28 -8.14 -21.22
N LEU D 24 -12.42 -7.24 -20.77
CA LEU D 24 -12.88 -5.99 -20.19
C LEU D 24 -12.80 -4.83 -21.19
N ASP D 25 -12.54 -5.15 -22.45
CA ASP D 25 -12.40 -4.15 -23.51
C ASP D 25 -11.40 -3.06 -23.12
N ILE D 26 -10.27 -3.45 -22.56
CA ILE D 26 -9.21 -2.50 -22.29
C ILE D 26 -8.42 -2.23 -23.58
N ARG D 27 -8.40 -0.98 -24.01
CA ARG D 27 -7.83 -0.61 -25.31
C ARG D 27 -6.66 0.35 -25.14
N PHE D 28 -5.47 -0.06 -25.56
CA PHE D 28 -4.32 0.84 -25.55
C PHE D 28 -4.47 1.86 -26.65
N GLU D 29 -4.32 3.13 -26.32
CA GLU D 29 -4.65 4.19 -27.28
C GLU D 29 -3.52 5.17 -27.59
N HIS D 30 -2.50 5.19 -26.73
CA HIS D 30 -1.36 6.06 -26.98
C HIS D 30 -0.09 5.56 -26.30
N ILE D 31 1.04 5.64 -27.02
CA ILE D 31 2.36 5.45 -26.42
C ILE D 31 3.15 6.73 -26.63
N GLY D 32 3.63 7.32 -25.53
CA GLY D 32 4.52 8.47 -25.63
C GLY D 32 5.95 8.01 -25.45
N ASP D 33 6.88 8.95 -25.32
CA ASP D 33 8.28 8.61 -25.07
C ASP D 33 8.45 7.99 -23.69
N ASP D 34 7.61 8.40 -22.76
CA ASP D 34 7.66 7.85 -21.41
C ASP D 34 6.28 7.68 -20.76
N THR D 35 5.22 7.64 -21.57
CA THR D 35 3.87 7.37 -21.06
C THR D 35 3.15 6.29 -21.88
N LEU D 36 2.18 5.64 -21.26
CA LEU D 36 1.34 4.67 -21.95
C LEU D 36 -0.08 4.88 -21.46
N GLU D 37 -1.03 5.01 -22.39
CA GLU D 37 -2.42 5.24 -22.01
C GLU D 37 -3.32 4.15 -22.56
N ALA D 38 -4.36 3.80 -21.80
CA ALA D 38 -5.39 2.86 -22.28
C ALA D 38 -6.73 3.23 -21.67
N THR D 39 -7.81 2.85 -22.33
CA THR D 39 -9.15 3.16 -21.83
C THR D 39 -9.94 1.88 -21.55
N MET D 40 -11.04 2.03 -20.81
CA MET D 40 -11.81 0.88 -20.32
C MET D 40 -13.25 1.34 -20.11
N PRO D 41 -14.23 0.55 -20.57
CA PRO D 41 -15.63 0.94 -20.41
C PRO D 41 -16.11 0.77 -18.98
N VAL D 42 -17.08 1.61 -18.59
CA VAL D 42 -17.80 1.45 -17.33
C VAL D 42 -19.16 0.84 -17.67
N ASP D 43 -19.29 -0.47 -17.54
CA ASP D 43 -20.56 -1.14 -17.84
C ASP D 43 -20.71 -2.41 -17.02
N SER D 44 -21.62 -3.30 -17.43
CA SER D 44 -21.88 -4.52 -16.65
C SER D 44 -20.63 -5.38 -16.41
N ARG D 45 -19.65 -5.29 -17.30
CA ARG D 45 -18.43 -6.10 -17.12
C ARG D 45 -17.51 -5.52 -16.05
N THR D 46 -17.63 -4.23 -15.76
CA THR D 46 -16.68 -3.56 -14.87
C THR D 46 -17.31 -2.83 -13.68
N LYS D 47 -18.62 -3.00 -13.49
CA LYS D 47 -19.31 -2.29 -12.39
C LYS D 47 -19.51 -3.15 -11.14
N GLN D 48 -19.75 -2.49 -10.01
CA GLN D 48 -20.13 -3.17 -8.76
C GLN D 48 -21.67 -3.12 -8.59
N PRO D 49 -22.23 -3.79 -7.55
CA PRO D 49 -23.69 -3.96 -7.53
C PRO D 49 -24.55 -2.70 -7.36
N PHE D 50 -23.95 -1.56 -7.04
CA PHE D 50 -24.72 -0.34 -6.83
C PHE D 50 -24.49 0.68 -7.93
N GLY D 51 -23.97 0.23 -9.07
CA GLY D 51 -23.94 1.06 -10.26
C GLY D 51 -22.65 1.81 -10.51
N LEU D 52 -21.67 1.68 -9.63
CA LEU D 52 -20.42 2.40 -9.79
C LEU D 52 -19.39 1.55 -10.50
N LEU D 53 -18.37 2.19 -11.07
CA LEU D 53 -17.23 1.44 -11.59
C LEU D 53 -16.63 0.66 -10.43
N HIS D 54 -16.41 -0.64 -10.62
CA HIS D 54 -15.86 -1.50 -9.59
C HIS D 54 -14.42 -1.06 -9.24
N GLY D 55 -14.11 -0.90 -7.96
CA GLY D 55 -12.76 -0.50 -7.58
C GLY D 55 -11.67 -1.44 -8.10
N GLY D 56 -11.99 -2.72 -8.14
CA GLY D 56 -11.06 -3.71 -8.68
C GLY D 56 -10.86 -3.57 -10.18
N ALA D 57 -11.90 -3.14 -10.88
CA ALA D 57 -11.79 -2.95 -12.32
C ALA D 57 -10.77 -1.86 -12.61
N SER D 58 -10.77 -0.81 -11.79
CA SER D 58 -9.77 0.25 -11.92
C SER D 58 -8.37 -0.29 -11.68
N VAL D 59 -8.23 -1.16 -10.69
CA VAL D 59 -6.93 -1.78 -10.43
C VAL D 59 -6.55 -2.72 -11.57
N VAL D 60 -7.54 -3.42 -12.16
CA VAL D 60 -7.21 -4.22 -13.35
C VAL D 60 -6.58 -3.34 -14.43
N LEU D 61 -7.18 -2.18 -14.69
CA LEU D 61 -6.68 -1.26 -15.72
C LEU D 61 -5.27 -0.77 -15.35
N ALA D 62 -5.10 -0.37 -14.10
CA ALA D 62 -3.80 0.09 -13.62
C ALA D 62 -2.71 -0.99 -13.75
N GLU D 63 -2.95 -2.19 -13.23
CA GLU D 63 -1.94 -3.24 -13.32
C GLU D 63 -1.70 -3.69 -14.77
N SER D 64 -2.74 -3.64 -15.61
CA SER D 64 -2.58 -3.95 -17.02
C SER D 64 -1.62 -2.97 -17.69
N ILE D 65 -1.87 -1.67 -17.53
CA ILE D 65 -1.01 -0.69 -18.20
C ILE D 65 0.40 -0.73 -17.64
N GLY D 66 0.51 -0.73 -16.31
CA GLY D 66 1.80 -0.72 -15.66
C GLY D 66 2.67 -1.94 -15.99
N SER D 67 2.05 -3.11 -16.06
CA SER D 67 2.79 -4.33 -16.36
C SER D 67 3.25 -4.39 -17.82
N VAL D 68 2.39 -3.98 -18.74
CA VAL D 68 2.80 -3.87 -20.15
C VAL D 68 3.93 -2.85 -20.32
N ALA D 69 3.75 -1.68 -19.72
CA ALA D 69 4.77 -0.64 -19.78
C ALA D 69 6.09 -1.18 -19.25
N GLY D 70 6.02 -1.94 -18.16
CA GLY D 70 7.22 -2.51 -17.56
C GLY D 70 7.89 -3.51 -18.48
N TYR D 71 7.08 -4.39 -19.07
CA TYR D 71 7.56 -5.39 -20.02
C TYR D 71 8.30 -4.70 -21.17
N LEU D 72 7.70 -3.62 -21.69
CA LEU D 72 8.30 -2.84 -22.77
C LEU D 72 9.63 -2.17 -22.39
N CYS D 73 9.92 -2.11 -21.10
CA CYS D 73 11.18 -1.49 -20.64
C CYS D 73 12.19 -2.57 -20.28
N THR D 74 11.89 -3.81 -20.64
CA THR D 74 12.84 -4.91 -20.50
C THR D 74 13.22 -5.43 -21.87
N GLU D 75 14.04 -6.47 -21.93
CA GLU D 75 14.49 -7.00 -23.21
C GLU D 75 14.64 -8.50 -23.20
N GLY D 76 14.68 -9.08 -24.39
CA GLY D 76 14.85 -10.51 -24.54
C GLY D 76 13.82 -11.32 -23.79
N GLU D 77 14.28 -12.34 -23.07
CA GLU D 77 13.38 -13.22 -22.34
C GLU D 77 13.08 -12.76 -20.92
N GLN D 78 13.41 -11.51 -20.60
CA GLN D 78 13.09 -10.98 -19.27
C GLN D 78 11.57 -10.94 -19.07
N LYS D 79 11.10 -11.40 -17.91
CA LYS D 79 9.69 -11.29 -17.57
C LYS D 79 9.47 -10.20 -16.54
N VAL D 80 8.26 -9.65 -16.50
CA VAL D 80 7.89 -8.65 -15.52
C VAL D 80 6.60 -9.10 -14.85
N VAL D 81 6.58 -9.11 -13.51
CA VAL D 81 5.38 -9.49 -12.81
C VAL D 81 5.00 -8.44 -11.75
N GLY D 82 3.70 -8.35 -11.48
CA GLY D 82 3.23 -7.48 -10.42
C GLY D 82 3.63 -8.02 -9.07
N LEU D 83 4.19 -7.15 -8.24
CA LEU D 83 4.66 -7.53 -6.92
C LEU D 83 3.76 -6.89 -5.84
N GLU D 84 3.66 -5.56 -5.88
CA GLU D 84 2.81 -4.78 -4.97
C GLU D 84 1.97 -3.82 -5.79
N ILE D 85 0.74 -3.60 -5.34
CA ILE D 85 -0.16 -2.66 -5.99
C ILE D 85 -0.92 -1.93 -4.90
N ASN D 86 -1.10 -0.62 -5.09
CA ASN D 86 -1.98 0.14 -4.21
C ASN D 86 -2.71 1.17 -5.05
N ALA D 87 -3.90 1.58 -4.59
CA ALA D 87 -4.71 2.48 -5.38
C ALA D 87 -5.67 3.25 -4.49
N ASN D 88 -5.79 4.55 -4.76
CA ASN D 88 -6.78 5.39 -4.10
C ASN D 88 -7.97 5.68 -5.01
N HIS D 89 -9.16 5.32 -4.56
CA HIS D 89 -10.38 5.62 -5.31
C HIS D 89 -10.90 6.97 -4.83
N VAL D 90 -10.62 8.02 -5.60
CA VAL D 90 -10.89 9.37 -5.11
C VAL D 90 -12.22 9.92 -5.64
N ARG D 91 -12.72 9.34 -6.73
CA ARG D 91 -14.03 9.73 -7.26
C ARG D 91 -14.66 8.55 -8.03
N SER D 92 -15.96 8.37 -7.88
N SER D 92 -15.96 8.35 -7.86
CA SER D 92 -16.67 7.29 -8.55
CA SER D 92 -16.63 7.26 -8.55
C SER D 92 -16.90 7.62 -10.03
C SER D 92 -16.94 7.61 -10.01
N ALA D 93 -17.13 6.58 -10.83
CA ALA D 93 -17.51 6.75 -12.24
C ALA D 93 -18.73 5.87 -12.46
N ARG D 94 -19.61 6.27 -13.39
CA ARG D 94 -20.88 5.59 -13.58
C ARG D 94 -21.20 5.25 -15.03
N GLU D 95 -20.48 5.88 -15.97
CA GLU D 95 -20.75 5.61 -17.38
C GLU D 95 -19.59 6.00 -18.27
N GLY D 96 -19.69 5.66 -19.55
CA GLY D 96 -18.68 6.02 -20.52
C GLY D 96 -17.45 5.15 -20.41
N ARG D 97 -16.31 5.72 -20.76
CA ARG D 97 -15.04 5.02 -20.60
C ARG D 97 -14.14 5.84 -19.68
N VAL D 98 -13.26 5.16 -18.94
CA VAL D 98 -12.25 5.84 -18.15
C VAL D 98 -10.91 5.70 -18.87
N ARG D 99 -9.97 6.60 -18.61
CA ARG D 99 -8.67 6.56 -19.28
C ARG D 99 -7.55 6.48 -18.26
N GLY D 100 -6.72 5.44 -18.34
CA GLY D 100 -5.57 5.32 -17.47
C GLY D 100 -4.33 5.90 -18.14
N VAL D 101 -3.53 6.63 -17.37
CA VAL D 101 -2.30 7.21 -17.89
C VAL D 101 -1.15 6.82 -16.97
N CYS D 102 -0.20 6.08 -17.54
CA CYS D 102 0.87 5.47 -16.78
C CYS D 102 2.21 6.13 -17.07
N LYS D 103 2.92 6.50 -16.01
N LYS D 103 2.92 6.51 -16.01
CA LYS D 103 4.25 7.09 -16.11
CA LYS D 103 4.25 7.08 -16.15
C LYS D 103 5.19 6.37 -15.14
C LYS D 103 5.19 6.39 -15.15
N PRO D 104 6.49 6.38 -15.43
CA PRO D 104 7.44 5.70 -14.53
C PRO D 104 7.79 6.55 -13.33
N LEU D 105 7.94 5.93 -12.16
CA LEU D 105 8.48 6.62 -11.00
C LEU D 105 9.92 6.20 -10.82
N HIS D 106 10.19 4.93 -11.10
CA HIS D 106 11.53 4.38 -10.95
C HIS D 106 11.70 3.20 -11.89
N LEU D 107 12.73 3.26 -12.72
CA LEU D 107 13.04 2.16 -13.63
C LEU D 107 14.40 1.57 -13.27
N GLY D 108 14.38 0.46 -12.53
CA GLY D 108 15.61 -0.13 -12.03
C GLY D 108 15.98 -1.40 -12.78
N SER D 109 17.05 -2.04 -12.33
CA SER D 109 17.53 -3.26 -12.99
C SER D 109 16.67 -4.47 -12.65
N ARG D 110 16.14 -4.50 -11.44
CA ARG D 110 15.37 -5.67 -11.00
C ARG D 110 13.94 -5.34 -10.55
N HIS D 111 13.61 -4.05 -10.47
CA HIS D 111 12.26 -3.61 -10.07
C HIS D 111 11.90 -2.31 -10.77
N GLN D 112 10.60 -2.03 -10.86
CA GLN D 112 10.14 -0.75 -11.38
C GLN D 112 9.01 -0.27 -10.51
N VAL D 113 8.78 1.04 -10.50
CA VAL D 113 7.60 1.58 -9.84
C VAL D 113 6.84 2.43 -10.84
N TRP D 114 5.58 2.09 -11.10
CA TRP D 114 4.79 2.83 -12.09
C TRP D 114 3.66 3.59 -11.41
N GLN D 115 3.39 4.80 -11.89
CA GLN D 115 2.21 5.54 -11.45
C GLN D 115 1.14 5.54 -12.55
N ILE D 116 -0.07 5.11 -12.19
CA ILE D 116 -1.18 5.14 -13.13
C ILE D 116 -2.31 6.02 -12.58
N GLU D 117 -2.71 7.05 -13.34
CA GLU D 117 -3.84 7.88 -12.96
C GLU D 117 -4.99 7.59 -13.89
N ILE D 118 -6.19 7.48 -13.35
CA ILE D 118 -7.35 7.11 -14.16
C ILE D 118 -8.42 8.18 -14.10
N PHE D 119 -8.79 8.68 -15.28
CA PHE D 119 -9.69 9.83 -15.39
C PHE D 119 -10.98 9.42 -16.05
N ASP D 120 -12.07 10.11 -15.73
CA ASP D 120 -13.34 9.84 -16.41
C ASP D 120 -13.46 10.66 -17.68
N GLU D 121 -14.60 10.57 -18.35
CA GLU D 121 -14.81 11.25 -19.63
C GLU D 121 -14.68 12.76 -19.53
N LYS D 122 -14.89 13.29 -18.32
CA LYS D 122 -14.78 14.74 -18.11
C LYS D 122 -13.38 15.15 -17.70
N GLY D 123 -12.47 14.18 -17.62
CA GLY D 123 -11.09 14.44 -17.23
C GLY D 123 -10.90 14.57 -15.73
N ARG D 124 -11.88 14.13 -14.95
CA ARG D 124 -11.75 14.15 -13.49
C ARG D 124 -11.01 12.92 -12.97
N LEU D 125 -10.07 13.13 -12.05
CA LEU D 125 -9.32 12.03 -11.46
C LEU D 125 -10.26 11.14 -10.65
N CYS D 126 -10.25 9.85 -10.95
CA CYS D 126 -11.10 8.87 -10.27
C CYS D 126 -10.29 7.89 -9.43
N CYS D 127 -9.14 7.48 -9.96
CA CYS D 127 -8.30 6.55 -9.23
C CYS D 127 -6.83 6.90 -9.48
N SER D 128 -6.03 6.84 -8.42
CA SER D 128 -4.59 7.02 -8.54
C SER D 128 -3.91 5.79 -7.97
N SER D 129 -3.02 5.18 -8.74
CA SER D 129 -2.47 3.86 -8.38
C SER D 129 -0.96 3.77 -8.54
N ARG D 130 -0.31 2.97 -7.71
CA ARG D 130 1.13 2.70 -7.88
C ARG D 130 1.37 1.21 -8.00
N LEU D 131 2.14 0.82 -9.01
CA LEU D 131 2.44 -0.59 -9.21
C LEU D 131 3.92 -0.78 -9.08
N THR D 132 4.31 -1.74 -8.26
CA THR D 132 5.71 -2.11 -8.12
C THR D 132 5.88 -3.45 -8.80
N THR D 133 6.83 -3.57 -9.71
CA THR D 133 7.01 -4.82 -10.44
C THR D 133 8.34 -5.43 -10.11
N ALA D 134 8.46 -6.73 -10.37
CA ALA D 134 9.74 -7.43 -10.27
C ALA D 134 10.13 -7.91 -11.65
N ILE D 135 11.40 -7.72 -11.99
CA ILE D 135 11.92 -8.21 -13.26
C ILE D 135 12.57 -9.56 -13.02
N LEU D 136 12.18 -10.56 -13.82
CA LEU D 136 12.71 -11.90 -13.65
C LEU D 136 13.55 -12.30 -14.87
#